data_1WQL
#
_entry.id   1WQL
#
_cell.length_a   147.036
_cell.length_b   147.036
_cell.length_c   147.036
_cell.angle_alpha   90.00
_cell.angle_beta   90.00
_cell.angle_gamma   90.00
#
_symmetry.space_group_name_H-M   'P 21 3'
#
loop_
_entity.id
_entity.type
_entity.pdbx_description
1 polymer 'iron-sulfur protein large subunit of cumene dioxygenase'
2 polymer 'ethylbenzene dioxygenase small subunit'
3 non-polymer 'FE (II) ION'
4 non-polymer 'FE2/S2 (INORGANIC) CLUSTER'
5 non-polymer 'OXYGEN MOLECULE'
6 water water
#
loop_
_entity_poly.entity_id
_entity_poly.type
_entity_poly.pdbx_seq_one_letter_code
_entity_poly.pdbx_strand_id
1 'polypeptide(L)'
;MSSIINKEVQEAPLKWVKNWSDEEIKALVDEEKGLLDPRIFSDQDLYEIELERVFARSWLLLGHEGHIPKAGDYLTTYMG
EDPVIVVRQKDRSIKVFLNQCRHRGMRIERSDFGNAKSFTCTYHGWAYDTAGNLVNVPYEKEAFCDKKEGDCGFDKADWG
PLQARVDTYKGLIFANWDTEAPDLKTYLSDATPYMDVMLDRTEAVTQVITGMQKTVIPCNWKFAAEQFCSDMYHAGTMAH
LSGVLSSLPPEMDLSQVKLPSSGNQFRAKWGGHGTGWFNDDFALLQAIMGPKVVDYWTKGPAAERAKERLGKVLPADRMV
AQHMTIFPTCSFLPGINTVRTWHPRGPNEIEVWSFIVVDADAPEDIKEEYRRKNIFTFNQGGTYEQDDGENWVEVQRGLR
GYKARSRPLCAQMGAGVPNKNNPEFPGKTSYVYSEEAARGFYHHWSRMMSEPSWDTLKS
;
A
2 'polypeptide(L)'
;MTSADLTKPIEWPEMPVSLELQNAVEQFYYREAQLLDYQNYEAWLALLTQDIQYWMPIRTTHTSRNKAMEYVPPGGNAHF
DETYESMRARIRARVSGLNWTEDPPSRSRHIVSNVIVRETESAGTLEVSSAFLCYRNRLERMTDIYVGERRDILLRVSDG
LGFKIAKRTILLDQSTITANNLSQFF
;
B
#
# COMPACT_ATOMS: atom_id res chain seq x y z
N ASN A 19 -11.41 25.70 21.90
CA ASN A 19 -11.16 24.44 21.16
C ASN A 19 -11.93 23.24 21.74
N TRP A 20 -11.45 22.02 21.48
CA TRP A 20 -12.16 20.82 21.95
C TRP A 20 -11.94 20.23 23.38
N SER A 21 -13.03 20.10 24.14
CA SER A 21 -12.94 19.50 25.49
C SER A 21 -12.97 17.97 25.36
N ASP A 22 -12.43 17.26 26.34
CA ASP A 22 -12.43 15.81 26.28
C ASP A 22 -13.85 15.27 26.18
N GLU A 23 -14.77 15.91 26.88
CA GLU A 23 -16.17 15.51 26.88
C GLU A 23 -16.78 15.63 25.49
N GLU A 24 -16.50 16.75 24.82
CA GLU A 24 -17.02 16.98 23.47
C GLU A 24 -16.42 15.97 22.50
N ILE A 25 -15.14 15.69 22.69
CA ILE A 25 -14.44 14.73 21.83
C ILE A 25 -15.09 13.36 21.98
N LYS A 26 -15.22 12.91 23.22
CA LYS A 26 -15.81 11.61 23.49
C LYS A 26 -17.21 11.48 22.90
N ALA A 27 -17.95 12.59 22.87
CA ALA A 27 -19.31 12.59 22.34
C ALA A 27 -19.38 12.47 20.81
N LEU A 28 -18.25 12.59 20.13
CA LEU A 28 -18.23 12.50 18.67
C LEU A 28 -18.54 11.08 18.19
N VAL A 29 -18.37 10.12 19.08
CA VAL A 29 -18.63 8.73 18.75
C VAL A 29 -19.58 8.08 19.75
N ASP A 30 -20.68 7.51 19.24
CA ASP A 30 -21.62 6.80 20.09
C ASP A 30 -21.41 5.32 19.83
N GLU A 31 -20.57 4.71 20.66
CA GLU A 31 -20.22 3.29 20.55
C GLU A 31 -21.43 2.37 20.67
N GLU A 32 -22.40 2.77 21.50
CA GLU A 32 -23.60 1.96 21.72
C GLU A 32 -24.60 1.97 20.58
N LYS A 33 -25.05 3.15 20.18
CA LYS A 33 -26.01 3.26 19.08
C LYS A 33 -25.32 3.10 17.74
N GLY A 34 -24.02 3.36 17.70
CA GLY A 34 -23.29 3.26 16.45
C GLY A 34 -23.48 4.49 15.59
N LEU A 35 -23.07 5.64 16.12
CA LEU A 35 -23.20 6.90 15.40
C LEU A 35 -21.88 7.64 15.36
N LEU A 36 -21.49 8.07 14.16
CA LEU A 36 -20.23 8.78 13.98
C LEU A 36 -20.43 10.21 13.49
N ASP A 37 -19.84 11.17 14.19
CA ASP A 37 -19.94 12.56 13.79
C ASP A 37 -18.97 12.71 12.62
N PRO A 38 -19.46 13.11 11.44
CA PRO A 38 -18.64 13.27 10.23
C PRO A 38 -17.40 14.14 10.41
N ARG A 39 -17.48 15.08 11.35
CA ARG A 39 -16.36 15.99 11.59
C ARG A 39 -15.05 15.32 12.00
N ILE A 40 -15.13 14.11 12.55
CA ILE A 40 -13.91 13.43 12.95
C ILE A 40 -13.02 13.17 11.72
N PHE A 41 -13.63 13.16 10.54
CA PHE A 41 -12.88 12.91 9.30
C PHE A 41 -12.39 14.18 8.61
N SER A 42 -12.90 15.33 9.02
CA SER A 42 -12.53 16.59 8.36
C SER A 42 -11.95 17.71 9.22
N ASP A 43 -12.28 17.71 10.50
CA ASP A 43 -11.80 18.79 11.37
C ASP A 43 -10.28 18.85 11.51
N GLN A 44 -9.72 20.01 11.17
CA GLN A 44 -8.29 20.24 11.24
C GLN A 44 -7.78 20.22 12.68
N ASP A 45 -8.53 20.83 13.60
CA ASP A 45 -8.13 20.87 15.00
C ASP A 45 -8.07 19.45 15.57
N LEU A 46 -9.08 18.63 15.24
CA LEU A 46 -9.10 17.26 15.72
C LEU A 46 -7.92 16.50 15.14
N TYR A 47 -7.52 16.84 13.91
CA TYR A 47 -6.39 16.17 13.29
C TYR A 47 -5.12 16.45 14.09
N GLU A 48 -4.94 17.70 14.48
CA GLU A 48 -3.75 18.09 15.24
C GLU A 48 -3.74 17.30 16.56
N ILE A 49 -4.93 17.10 17.13
CA ILE A 49 -5.04 16.35 18.38
C ILE A 49 -4.70 14.89 18.11
N GLU A 50 -5.10 14.36 16.96
CA GLU A 50 -4.78 12.97 16.61
C GLU A 50 -3.27 12.76 16.60
N LEU A 51 -2.53 13.72 16.02
CA LEU A 51 -1.09 13.59 15.96
C LEU A 51 -0.51 13.50 17.37
N GLU A 52 -1.11 14.23 18.30
CA GLU A 52 -0.65 14.22 19.68
C GLU A 52 -1.15 13.03 20.50
N ARG A 53 -2.46 12.82 20.50
CA ARG A 53 -3.04 11.75 21.30
C ARG A 53 -3.20 10.38 20.66
N VAL A 54 -3.05 10.30 19.34
CA VAL A 54 -3.17 9.02 18.68
C VAL A 54 -1.85 8.55 18.08
N PHE A 55 -1.36 9.26 17.07
CA PHE A 55 -0.13 8.88 16.40
C PHE A 55 1.16 8.96 17.22
N ALA A 56 1.25 9.94 18.12
CA ALA A 56 2.44 10.09 18.94
C ALA A 56 2.53 9.10 20.10
N ARG A 57 1.51 8.26 20.28
CA ARG A 57 1.53 7.31 21.40
C ARG A 57 0.99 5.92 21.04
N SER A 58 0.87 5.63 19.74
CA SER A 58 0.39 4.33 19.28
C SER A 58 1.56 3.53 18.74
N TRP A 59 1.37 2.23 18.59
CA TRP A 59 2.40 1.38 18.00
C TRP A 59 2.09 1.43 16.52
N LEU A 60 3.02 1.95 15.74
CA LEU A 60 2.85 2.12 14.30
C LEU A 60 3.71 1.18 13.45
N LEU A 61 3.13 0.65 12.38
CA LEU A 61 3.84 -0.24 11.48
C LEU A 61 4.87 0.55 10.66
N LEU A 62 6.12 0.09 10.69
CA LEU A 62 7.19 0.75 9.95
C LEU A 62 7.64 -0.10 8.76
N GLY A 63 7.44 -1.40 8.87
CA GLY A 63 7.85 -2.30 7.81
C GLY A 63 8.00 -3.72 8.33
N HIS A 64 8.88 -4.47 7.67
CA HIS A 64 9.14 -5.87 8.00
C HIS A 64 10.63 -6.04 8.26
N GLU A 65 11.00 -7.01 9.10
CA GLU A 65 12.41 -7.23 9.41
C GLU A 65 13.24 -7.47 8.16
N GLY A 66 12.62 -8.03 7.14
CA GLY A 66 13.32 -8.29 5.90
C GLY A 66 13.71 -7.04 5.13
N HIS A 67 13.19 -5.89 5.56
CA HIS A 67 13.52 -4.63 4.91
C HIS A 67 14.92 -4.17 5.31
N ILE A 68 15.35 -4.57 6.51
CA ILE A 68 16.67 -4.21 7.03
C ILE A 68 17.32 -5.43 7.66
N PRO A 69 17.67 -6.45 6.86
CA PRO A 69 18.31 -7.68 7.34
C PRO A 69 19.72 -7.57 7.91
N LYS A 70 20.59 -6.80 7.27
CA LYS A 70 21.97 -6.68 7.73
C LYS A 70 22.24 -5.45 8.62
N ALA A 71 23.28 -5.56 9.44
CA ALA A 71 23.67 -4.46 10.32
C ALA A 71 24.00 -3.23 9.45
N GLY A 72 23.45 -2.08 9.81
CA GLY A 72 23.70 -0.88 9.02
C GLY A 72 22.61 -0.62 8.00
N ASP A 73 21.80 -1.63 7.71
CA ASP A 73 20.70 -1.49 6.77
C ASP A 73 19.66 -0.55 7.36
N TYR A 74 19.15 0.36 6.54
CA TYR A 74 18.16 1.31 7.03
C TYR A 74 17.01 1.53 6.04
N LEU A 75 15.94 2.09 6.57
CA LEU A 75 14.75 2.41 5.80
C LEU A 75 14.24 3.74 6.33
N THR A 76 13.84 4.64 5.42
CA THR A 76 13.29 5.91 5.87
C THR A 76 11.78 5.85 5.67
N THR A 77 11.04 6.08 6.75
CA THR A 77 9.59 6.04 6.68
C THR A 77 8.98 7.08 7.62
N TYR A 78 7.72 6.87 8.02
CA TYR A 78 7.05 7.82 8.89
C TYR A 78 6.32 7.22 10.10
N MET A 79 6.03 8.10 11.05
CA MET A 79 5.28 7.78 12.26
C MET A 79 4.39 9.03 12.31
N GLY A 80 3.20 8.91 11.72
CA GLY A 80 2.31 10.06 11.65
C GLY A 80 2.94 10.90 10.54
N GLU A 81 3.30 12.15 10.85
CA GLU A 81 3.94 12.99 9.83
C GLU A 81 5.40 13.27 10.19
N ASP A 82 5.91 12.50 11.14
CA ASP A 82 7.30 12.64 11.56
C ASP A 82 8.15 11.65 10.78
N PRO A 83 9.12 12.16 10.00
CA PRO A 83 9.97 11.24 9.24
C PRO A 83 10.92 10.55 10.20
N VAL A 84 11.14 9.26 10.03
CA VAL A 84 12.04 8.54 10.93
C VAL A 84 12.97 7.62 10.15
N ILE A 85 14.11 7.30 10.78
CA ILE A 85 15.07 6.39 10.18
C ILE A 85 14.99 5.10 10.98
N VAL A 86 14.88 3.98 10.28
CA VAL A 86 14.80 2.66 10.89
C VAL A 86 16.08 1.96 10.47
N VAL A 87 16.91 1.60 11.45
CA VAL A 87 18.18 0.97 11.12
C VAL A 87 18.60 -0.21 12.00
N ARG A 88 19.10 -1.26 11.37
CA ARG A 88 19.55 -2.46 12.04
C ARG A 88 20.90 -2.21 12.73
N GLN A 89 20.98 -2.54 14.01
CA GLN A 89 22.20 -2.36 14.79
C GLN A 89 23.09 -3.59 14.67
N LYS A 90 24.34 -3.45 15.06
CA LYS A 90 25.29 -4.55 15.00
C LYS A 90 24.85 -5.71 15.90
N ASP A 91 24.24 -5.39 17.04
CA ASP A 91 23.78 -6.42 17.95
C ASP A 91 22.45 -7.04 17.50
N ARG A 92 22.05 -6.73 16.26
CA ARG A 92 20.82 -7.26 15.67
C ARG A 92 19.54 -6.56 16.12
N SER A 93 19.65 -5.63 17.06
CA SER A 93 18.48 -4.90 17.50
C SER A 93 18.12 -3.86 16.46
N ILE A 94 16.96 -3.21 16.62
CA ILE A 94 16.52 -2.19 15.69
C ILE A 94 16.29 -0.87 16.41
N LYS A 95 16.85 0.20 15.88
CA LYS A 95 16.65 1.52 16.46
C LYS A 95 15.86 2.40 15.48
N VAL A 96 15.01 3.26 16.04
CA VAL A 96 14.20 4.16 15.24
C VAL A 96 14.28 5.54 15.85
N PHE A 97 14.71 6.52 15.06
CA PHE A 97 14.80 7.89 15.54
C PHE A 97 14.35 8.90 14.49
N LEU A 98 13.99 10.09 14.97
CA LEU A 98 13.50 11.17 14.13
C LEU A 98 14.50 11.56 13.04
N ASN A 99 14.04 11.60 11.80
CA ASN A 99 14.91 11.97 10.69
C ASN A 99 14.94 13.50 10.59
N GLN A 100 15.37 14.12 11.69
CA GLN A 100 15.46 15.57 11.81
C GLN A 100 16.64 15.95 12.68
N CYS A 101 17.52 16.79 12.15
CA CYS A 101 18.69 17.24 12.88
C CYS A 101 18.24 18.32 13.88
N ARG A 102 18.60 18.15 15.15
CA ARG A 102 18.20 19.11 16.18
C ARG A 102 18.80 20.51 16.07
N HIS A 103 19.79 20.68 15.19
CA HIS A 103 20.41 22.00 15.02
C HIS A 103 19.43 23.00 14.41
N ARG A 104 18.98 22.72 13.20
CA ARG A 104 18.01 23.59 12.53
C ARG A 104 16.88 22.82 11.86
N GLY A 105 16.81 21.51 12.10
CA GLY A 105 15.73 20.69 11.55
C GLY A 105 15.86 20.04 10.18
N MET A 106 17.05 20.06 9.61
CA MET A 106 17.28 19.47 8.29
C MET A 106 17.06 17.95 8.30
N ARG A 107 16.69 17.39 7.15
CA ARG A 107 16.47 15.95 7.06
C ARG A 107 17.85 15.30 7.06
N ILE A 108 18.07 14.35 7.96
CA ILE A 108 19.36 13.68 8.07
C ILE A 108 19.67 12.71 6.94
N GLU A 109 18.72 11.86 6.59
CA GLU A 109 18.91 10.87 5.53
C GLU A 109 17.83 11.05 4.47
N ARG A 110 18.24 11.40 3.25
CA ARG A 110 17.30 11.64 2.18
C ARG A 110 17.10 10.49 1.19
N SER A 111 17.79 9.38 1.41
CA SER A 111 17.63 8.23 0.53
C SER A 111 16.51 7.36 1.11
N ASP A 112 15.87 6.55 0.27
CA ASP A 112 14.77 5.69 0.69
C ASP A 112 15.17 4.48 1.56
N PHE A 113 16.35 3.95 1.30
CA PHE A 113 16.87 2.80 2.03
C PHE A 113 18.32 2.59 1.62
N GLY A 114 18.97 1.61 2.24
CA GLY A 114 20.36 1.31 1.91
C GLY A 114 21.12 0.76 3.11
N ASN A 115 22.44 0.79 3.04
CA ASN A 115 23.27 0.33 4.14
C ASN A 115 24.23 1.46 4.46
N ALA A 116 24.25 1.88 5.72
CA ALA A 116 25.11 2.98 6.12
C ALA A 116 26.02 2.68 7.29
N LYS A 117 27.10 3.44 7.37
CA LYS A 117 28.08 3.33 8.45
C LYS A 117 27.93 4.59 9.29
N SER A 118 27.18 5.55 8.76
CA SER A 118 26.93 6.81 9.44
C SER A 118 25.86 7.61 8.69
N PHE A 119 25.36 8.65 9.33
CA PHE A 119 24.35 9.52 8.74
C PHE A 119 24.86 10.94 8.88
N THR A 120 24.78 11.74 7.82
CA THR A 120 25.28 13.10 7.91
C THR A 120 24.29 14.16 7.43
N CYS A 121 24.11 15.18 8.24
CA CYS A 121 23.23 16.29 7.89
C CYS A 121 24.09 17.21 7.04
N THR A 122 23.69 17.43 5.79
CA THR A 122 24.46 18.25 4.88
C THR A 122 24.30 19.76 5.04
N TYR A 123 23.47 20.19 5.99
CA TYR A 123 23.28 21.62 6.21
C TYR A 123 24.53 22.19 6.88
N HIS A 124 24.94 21.62 8.02
CA HIS A 124 26.14 22.10 8.71
C HIS A 124 27.11 20.97 9.05
N GLY A 125 26.88 19.80 8.47
CA GLY A 125 27.77 18.66 8.68
C GLY A 125 27.69 17.84 9.95
N TRP A 126 26.67 18.05 10.78
CA TRP A 126 26.56 17.25 12.01
C TRP A 126 26.44 15.79 11.56
N ALA A 127 27.31 14.93 12.10
CA ALA A 127 27.32 13.51 11.75
C ALA A 127 26.83 12.61 12.88
N TYR A 128 26.16 11.52 12.50
CA TYR A 128 25.58 10.56 13.44
C TYR A 128 26.00 9.11 13.19
N ASP A 129 25.98 8.28 14.23
CA ASP A 129 26.33 6.87 14.04
C ASP A 129 25.02 6.13 13.72
N THR A 130 25.10 4.84 13.44
CA THR A 130 23.91 4.07 13.10
C THR A 130 22.91 3.87 14.24
N ALA A 131 23.23 4.42 15.40
CA ALA A 131 22.33 4.34 16.57
C ALA A 131 21.63 5.68 16.76
N GLY A 132 22.02 6.67 15.97
CA GLY A 132 21.40 7.98 16.08
C GLY A 132 22.11 8.92 17.04
N ASN A 133 23.32 8.56 17.45
CA ASN A 133 24.08 9.40 18.36
C ASN A 133 24.82 10.46 17.55
N LEU A 134 24.81 11.69 18.04
CA LEU A 134 25.53 12.77 17.37
C LEU A 134 26.99 12.52 17.73
N VAL A 135 27.79 12.10 16.76
CA VAL A 135 29.20 11.81 17.02
C VAL A 135 30.19 12.84 16.50
N ASN A 136 29.75 13.73 15.62
CA ASN A 136 30.67 14.75 15.12
C ASN A 136 30.00 16.06 14.76
N VAL A 137 30.55 17.13 15.33
CA VAL A 137 30.06 18.48 15.10
C VAL A 137 31.26 19.28 14.60
N PRO A 138 31.25 19.67 13.31
CA PRO A 138 32.36 20.45 12.75
C PRO A 138 32.69 21.66 13.61
N TYR A 139 33.98 21.92 13.79
CA TYR A 139 34.46 23.06 14.58
C TYR A 139 33.87 23.12 15.98
N GLU A 140 33.57 21.96 16.57
CA GLU A 140 32.98 21.92 17.91
C GLU A 140 33.81 22.69 18.94
N LYS A 141 35.10 22.37 19.03
CA LYS A 141 35.98 23.02 19.98
C LYS A 141 36.22 24.49 19.70
N GLU A 142 36.22 24.88 18.44
CA GLU A 142 36.45 26.28 18.08
C GLU A 142 35.21 27.16 18.23
N ALA A 143 34.03 26.61 17.97
CA ALA A 143 32.80 27.39 18.04
C ALA A 143 31.89 27.18 19.25
N PHE A 144 31.87 25.97 19.81
CA PHE A 144 31.02 25.68 20.95
C PHE A 144 31.73 25.73 22.31
N CYS A 145 33.06 25.83 22.30
CA CYS A 145 33.82 25.85 23.55
C CYS A 145 34.92 26.90 23.61
N ASP A 146 35.50 27.05 24.79
CA ASP A 146 36.58 27.99 25.03
C ASP A 146 37.69 27.25 25.78
N CYS A 152 33.26 21.98 28.90
CA CYS A 152 32.50 22.78 27.90
C CYS A 152 31.00 22.69 28.16
N GLY A 153 30.28 23.77 27.88
CA GLY A 153 28.84 23.80 28.10
C GLY A 153 27.98 23.13 27.03
N PHE A 154 28.63 22.61 25.99
CA PHE A 154 27.93 21.93 24.91
C PHE A 154 28.34 20.46 24.90
N ASP A 155 27.36 19.57 24.89
CA ASP A 155 27.64 18.13 24.90
C ASP A 155 26.84 17.44 23.79
N LYS A 156 27.55 16.86 22.83
CA LYS A 156 26.89 16.17 21.72
C LYS A 156 25.91 15.11 22.21
N ALA A 157 26.17 14.57 23.40
CA ALA A 157 25.33 13.52 23.97
C ALA A 157 23.90 13.99 24.23
N ASP A 158 23.70 15.29 24.37
CA ASP A 158 22.36 15.82 24.63
C ASP A 158 21.56 16.19 23.40
N TRP A 159 22.21 16.15 22.23
CA TRP A 159 21.52 16.56 21.02
C TRP A 159 21.21 15.58 19.91
N GLY A 160 21.09 14.29 20.24
CA GLY A 160 20.77 13.32 19.22
C GLY A 160 19.27 13.37 18.95
N PRO A 161 18.82 13.00 17.75
CA PRO A 161 17.37 13.05 17.45
C PRO A 161 16.54 12.12 18.34
N LEU A 162 15.30 12.52 18.61
CA LEU A 162 14.40 11.72 19.46
C LEU A 162 14.36 10.26 19.05
N GLN A 163 14.50 9.37 20.04
CA GLN A 163 14.47 7.93 19.82
C GLN A 163 13.05 7.42 20.09
N ALA A 164 12.63 6.40 19.34
CA ALA A 164 11.32 5.81 19.53
C ALA A 164 11.50 4.40 20.09
N ARG A 165 10.51 3.91 20.84
CA ARG A 165 10.57 2.55 21.36
C ARG A 165 10.33 1.68 20.15
N VAL A 166 11.00 0.53 20.08
CA VAL A 166 10.87 -0.37 18.95
C VAL A 166 10.65 -1.81 19.38
N ASP A 167 9.73 -2.49 18.71
CA ASP A 167 9.46 -3.88 19.01
C ASP A 167 8.95 -4.51 17.72
N THR A 168 8.86 -5.83 17.69
CA THR A 168 8.38 -6.53 16.51
C THR A 168 7.39 -7.60 16.92
N TYR A 169 6.60 -8.04 15.94
CA TYR A 169 5.67 -9.12 16.16
C TYR A 169 5.75 -10.02 14.95
N LYS A 170 6.44 -11.14 15.12
CA LYS A 170 6.62 -12.13 14.07
C LYS A 170 6.90 -11.50 12.70
N GLY A 171 7.99 -10.75 12.61
CA GLY A 171 8.37 -10.14 11.35
C GLY A 171 8.03 -8.67 11.16
N LEU A 172 6.89 -8.23 11.69
CA LEU A 172 6.50 -6.83 11.55
C LEU A 172 7.17 -5.93 12.58
N ILE A 173 7.69 -4.80 12.11
CA ILE A 173 8.35 -3.83 12.98
C ILE A 173 7.38 -2.72 13.37
N PHE A 174 7.27 -2.45 14.66
CA PHE A 174 6.39 -1.40 15.17
C PHE A 174 7.21 -0.43 16.02
N ALA A 175 6.74 0.80 16.15
CA ALA A 175 7.43 1.80 16.95
C ALA A 175 6.41 2.66 17.67
N ASN A 176 6.81 3.22 18.80
CA ASN A 176 5.94 4.07 19.61
C ASN A 176 6.84 5.06 20.35
N TRP A 177 6.50 6.35 20.33
CA TRP A 177 7.31 7.36 21.02
C TRP A 177 7.07 7.41 22.52
N ASP A 178 5.85 7.07 22.94
CA ASP A 178 5.45 7.14 24.34
C ASP A 178 6.02 6.07 25.29
N THR A 179 6.88 6.50 26.21
CA THR A 179 7.48 5.58 27.18
C THR A 179 6.46 5.10 28.22
N GLU A 180 5.31 5.76 28.29
CA GLU A 180 4.29 5.36 29.26
C GLU A 180 3.26 4.41 28.66
N ALA A 181 3.31 4.22 27.34
CA ALA A 181 2.37 3.33 26.67
C ALA A 181 2.70 1.87 26.97
N PRO A 182 1.69 1.00 26.86
CA PRO A 182 1.90 -0.44 27.11
C PRO A 182 2.79 -1.03 26.02
N ASP A 183 3.50 -2.11 26.32
CA ASP A 183 4.37 -2.73 25.34
C ASP A 183 3.53 -3.23 24.16
N LEU A 184 4.19 -3.51 23.04
CA LEU A 184 3.52 -3.96 21.83
C LEU A 184 2.58 -5.13 22.03
N LYS A 185 3.08 -6.22 22.60
CA LYS A 185 2.27 -7.41 22.83
C LYS A 185 0.99 -7.08 23.61
N THR A 186 1.14 -6.37 24.72
CA THR A 186 -0.01 -6.00 25.52
C THR A 186 -0.99 -5.18 24.67
N TYR A 187 -0.43 -4.23 23.94
CA TYR A 187 -1.19 -3.35 23.04
C TYR A 187 -2.02 -4.14 22.04
N LEU A 188 -1.45 -5.23 21.53
CA LEU A 188 -2.15 -6.06 20.56
C LEU A 188 -3.36 -6.80 21.16
N SER A 189 -3.48 -6.74 22.48
CA SER A 189 -4.63 -7.36 23.16
C SER A 189 -4.81 -8.83 22.74
N ASP A 190 -6.06 -9.24 22.52
CA ASP A 190 -6.34 -10.62 22.11
C ASP A 190 -6.43 -10.79 20.60
N ALA A 191 -5.76 -9.91 19.85
CA ALA A 191 -5.81 -9.97 18.40
C ALA A 191 -4.68 -10.75 17.72
N THR A 192 -3.67 -11.18 18.47
CA THR A 192 -2.54 -11.89 17.86
C THR A 192 -2.86 -13.19 17.13
N PRO A 193 -3.80 -14.01 17.65
CA PRO A 193 -4.11 -15.26 16.97
C PRO A 193 -4.55 -15.01 15.52
N TYR A 194 -5.27 -13.90 15.32
CA TYR A 194 -5.77 -13.52 14.01
C TYR A 194 -4.62 -13.01 13.12
N MET A 195 -3.64 -12.37 13.74
CA MET A 195 -2.48 -11.87 13.00
C MET A 195 -1.64 -13.08 12.58
N ASP A 196 -1.58 -14.09 13.46
CA ASP A 196 -0.79 -15.28 13.20
C ASP A 196 -1.18 -16.02 11.92
N VAL A 197 -2.44 -15.88 11.50
CA VAL A 197 -2.91 -16.55 10.30
C VAL A 197 -2.03 -16.23 9.10
N MET A 198 -1.45 -15.03 9.09
CA MET A 198 -0.59 -14.62 7.99
C MET A 198 0.88 -14.69 8.38
N LEU A 199 1.18 -14.33 9.62
CA LEU A 199 2.56 -14.27 10.11
C LEU A 199 3.21 -15.47 10.80
N ASP A 200 2.43 -16.45 11.23
CA ASP A 200 3.02 -17.58 11.95
C ASP A 200 2.68 -18.95 11.37
N ARG A 201 2.57 -19.04 10.05
CA ARG A 201 2.23 -20.29 9.38
C ARG A 201 3.36 -21.32 9.36
N THR A 202 4.58 -20.85 9.54
CA THR A 202 5.74 -21.75 9.53
C THR A 202 6.78 -21.29 10.54
N GLU A 203 7.67 -22.20 10.92
CA GLU A 203 8.71 -21.86 11.88
C GLU A 203 9.78 -21.03 11.18
N ALA A 204 9.74 -21.05 9.85
CA ALA A 204 10.71 -20.33 9.03
C ALA A 204 10.47 -18.83 8.96
N VAL A 205 9.29 -18.37 9.39
CA VAL A 205 8.89 -16.97 9.38
C VAL A 205 8.46 -16.54 7.97
N THR A 206 8.23 -15.24 7.80
CA THR A 206 7.84 -14.72 6.50
C THR A 206 8.97 -13.84 5.97
N GLN A 207 8.95 -13.63 4.65
CA GLN A 207 9.92 -12.78 4.00
C GLN A 207 9.10 -11.68 3.35
N VAL A 208 9.75 -10.57 3.02
CA VAL A 208 9.04 -9.50 2.36
C VAL A 208 9.60 -9.39 0.94
N ILE A 209 8.72 -9.30 -0.04
CA ILE A 209 9.15 -9.16 -1.43
C ILE A 209 9.80 -7.79 -1.55
N THR A 210 10.91 -7.70 -2.28
CA THR A 210 11.61 -6.44 -2.45
C THR A 210 10.76 -5.43 -3.22
N GLY A 211 10.69 -4.21 -2.69
CA GLY A 211 9.92 -3.18 -3.35
C GLY A 211 8.67 -2.72 -2.63
N MET A 212 8.73 -1.51 -2.08
CA MET A 212 7.59 -0.95 -1.38
C MET A 212 6.90 0.07 -2.30
N GLN A 213 5.59 -0.02 -2.42
CA GLN A 213 4.85 0.92 -3.27
C GLN A 213 4.29 2.03 -2.39
N LYS A 214 4.53 3.27 -2.80
CA LYS A 214 4.04 4.44 -2.07
C LYS A 214 3.11 5.24 -2.97
N THR A 215 1.93 5.55 -2.47
CA THR A 215 0.96 6.30 -3.24
C THR A 215 0.20 7.30 -2.36
N VAL A 216 -0.37 8.32 -2.99
CA VAL A 216 -1.12 9.34 -2.28
C VAL A 216 -2.61 9.23 -2.58
N ILE A 217 -3.43 9.37 -1.53
CA ILE A 217 -4.88 9.32 -1.68
C ILE A 217 -5.52 10.45 -0.88
N PRO A 218 -6.33 11.29 -1.54
CA PRO A 218 -6.97 12.40 -0.83
C PRO A 218 -8.19 12.00 0.01
N CYS A 219 -7.94 11.36 1.15
CA CYS A 219 -9.02 10.94 2.06
C CYS A 219 -8.45 10.80 3.47
N ASN A 220 -9.33 10.75 4.46
CA ASN A 220 -8.91 10.60 5.84
C ASN A 220 -8.44 9.16 6.09
N TRP A 221 -7.40 9.01 6.92
CA TRP A 221 -6.85 7.70 7.21
C TRP A 221 -7.85 6.75 7.86
N LYS A 222 -8.81 7.31 8.60
CA LYS A 222 -9.79 6.49 9.28
C LYS A 222 -10.68 5.67 8.35
N PHE A 223 -11.02 6.22 7.19
CA PHE A 223 -11.85 5.49 6.24
C PHE A 223 -11.13 4.23 5.77
N ALA A 224 -9.84 4.35 5.51
CA ALA A 224 -9.04 3.21 5.04
C ALA A 224 -8.85 2.19 6.16
N ALA A 225 -8.33 2.64 7.29
CA ALA A 225 -8.10 1.75 8.41
C ALA A 225 -9.40 1.06 8.87
N GLU A 226 -10.50 1.79 8.92
CA GLU A 226 -11.78 1.22 9.34
C GLU A 226 -12.22 0.12 8.38
N GLN A 227 -12.15 0.40 7.08
CA GLN A 227 -12.55 -0.57 6.08
C GLN A 227 -11.81 -1.89 6.24
N PHE A 228 -10.49 -1.84 6.41
CA PHE A 228 -9.71 -3.05 6.57
C PHE A 228 -9.94 -3.69 7.95
N CYS A 229 -10.53 -2.91 8.85
CA CYS A 229 -10.81 -3.39 10.20
C CYS A 229 -12.17 -4.08 10.33
N SER A 230 -13.17 -3.58 9.63
CA SER A 230 -14.52 -4.12 9.77
C SER A 230 -15.43 -4.14 8.54
N ASP A 231 -14.92 -3.73 7.39
CA ASP A 231 -15.80 -3.63 6.22
C ASP A 231 -15.73 -4.66 5.09
N MET A 232 -16.15 -5.88 5.36
CA MET A 232 -16.17 -6.90 4.30
C MET A 232 -17.41 -6.60 3.45
N TYR A 233 -18.37 -5.93 4.08
CA TYR A 233 -19.62 -5.54 3.47
C TYR A 233 -19.47 -4.90 2.08
N HIS A 234 -18.50 -4.00 1.91
CA HIS A 234 -18.33 -3.35 0.60
C HIS A 234 -17.92 -4.37 -0.46
N ALA A 235 -17.09 -5.34 -0.06
CA ALA A 235 -16.62 -6.36 -0.98
C ALA A 235 -17.73 -7.37 -1.28
N GLY A 236 -18.58 -7.61 -0.28
CA GLY A 236 -19.66 -8.55 -0.44
C GLY A 236 -20.83 -7.98 -1.23
N THR A 237 -20.80 -6.67 -1.50
CA THR A 237 -21.87 -6.03 -2.25
C THR A 237 -21.47 -5.55 -3.64
N MET A 238 -21.22 -4.24 -3.80
CA MET A 238 -20.90 -3.68 -5.10
C MET A 238 -19.49 -3.19 -5.40
N ALA A 239 -18.74 -2.80 -4.37
CA ALA A 239 -17.40 -2.26 -4.55
C ALA A 239 -16.45 -3.00 -5.50
N HIS A 240 -16.42 -4.32 -5.44
CA HIS A 240 -15.49 -5.08 -6.28
C HIS A 240 -16.08 -6.02 -7.32
N LEU A 241 -17.23 -5.70 -7.88
CA LEU A 241 -17.79 -6.58 -8.89
C LEU A 241 -16.83 -6.66 -10.09
N SER A 242 -16.21 -5.54 -10.43
CA SER A 242 -15.28 -5.51 -11.56
C SER A 242 -13.97 -6.20 -11.20
N GLY A 243 -13.56 -6.08 -9.94
CA GLY A 243 -12.34 -6.72 -9.50
C GLY A 243 -12.47 -8.24 -9.62
N VAL A 244 -13.62 -8.77 -9.21
CA VAL A 244 -13.84 -10.21 -9.29
C VAL A 244 -13.83 -10.66 -10.76
N LEU A 245 -14.43 -9.87 -11.63
CA LEU A 245 -14.45 -10.21 -13.06
C LEU A 245 -13.03 -10.27 -13.61
N SER A 246 -12.17 -9.39 -13.14
CA SER A 246 -10.79 -9.34 -13.61
C SER A 246 -9.97 -10.52 -13.15
N SER A 247 -10.24 -11.02 -11.94
CA SER A 247 -9.44 -12.12 -11.41
C SER A 247 -9.98 -13.53 -11.71
N LEU A 248 -11.20 -13.60 -12.22
CA LEU A 248 -11.80 -14.89 -12.58
C LEU A 248 -11.26 -15.36 -13.92
N PRO A 249 -11.41 -16.66 -14.23
CA PRO A 249 -10.91 -17.14 -15.52
C PRO A 249 -11.85 -16.54 -16.57
N PRO A 250 -11.36 -16.30 -17.79
CA PRO A 250 -12.19 -15.72 -18.86
C PRO A 250 -13.53 -16.43 -19.08
N GLU A 251 -13.55 -17.75 -18.95
CA GLU A 251 -14.77 -18.53 -19.18
C GLU A 251 -15.78 -18.47 -18.04
N MET A 252 -15.40 -17.86 -16.93
CA MET A 252 -16.29 -17.73 -15.77
C MET A 252 -16.76 -16.29 -15.61
N ASP A 253 -18.03 -16.11 -15.24
CA ASP A 253 -18.55 -14.77 -15.01
C ASP A 253 -19.12 -14.67 -13.59
N LEU A 254 -19.68 -13.51 -13.26
CA LEU A 254 -20.22 -13.29 -11.91
C LEU A 254 -21.33 -14.25 -11.47
N SER A 255 -22.20 -14.63 -12.39
CA SER A 255 -23.30 -15.54 -12.05
C SER A 255 -22.77 -16.88 -11.54
N GLN A 256 -21.51 -17.18 -11.83
CA GLN A 256 -20.90 -18.43 -11.42
C GLN A 256 -20.12 -18.33 -10.11
N VAL A 257 -20.31 -17.23 -9.40
CA VAL A 257 -19.63 -17.03 -8.14
C VAL A 257 -20.66 -16.83 -7.02
N LYS A 258 -20.75 -17.79 -6.11
CA LYS A 258 -21.69 -17.68 -5.00
C LYS A 258 -20.97 -17.01 -3.85
N LEU A 259 -21.48 -15.87 -3.41
CA LEU A 259 -20.84 -15.19 -2.29
C LEU A 259 -21.34 -15.91 -1.05
N PRO A 260 -20.43 -16.62 -0.36
CA PRO A 260 -20.77 -17.38 0.85
C PRO A 260 -21.57 -16.64 1.92
N SER A 261 -22.56 -17.34 2.44
CA SER A 261 -23.40 -16.83 3.50
C SER A 261 -22.90 -17.59 4.72
N SER A 262 -21.93 -17.00 5.39
CA SER A 262 -21.31 -17.56 6.57
C SER A 262 -19.92 -16.95 6.65
N GLY A 263 -19.69 -16.23 7.73
CA GLY A 263 -18.43 -15.59 7.96
C GLY A 263 -18.60 -14.88 9.28
N ASN A 264 -17.49 -14.50 9.90
CA ASN A 264 -17.58 -13.81 11.16
C ASN A 264 -16.61 -12.65 11.23
N GLN A 265 -16.71 -11.89 12.31
CA GLN A 265 -15.87 -10.73 12.50
C GLN A 265 -15.45 -10.66 13.95
N PHE A 266 -14.20 -10.26 14.18
CA PHE A 266 -13.64 -10.15 15.51
C PHE A 266 -13.37 -8.71 15.92
N ARG A 267 -13.67 -8.40 17.18
CA ARG A 267 -13.42 -7.06 17.73
C ARG A 267 -12.48 -7.28 18.91
N ALA A 268 -11.32 -6.63 18.89
CA ALA A 268 -10.36 -6.77 19.97
C ALA A 268 -10.96 -6.33 21.29
N LYS A 269 -10.63 -7.06 22.36
CA LYS A 269 -11.12 -6.75 23.69
C LYS A 269 -10.75 -5.31 24.05
N TRP A 270 -9.56 -4.90 23.61
CA TRP A 270 -9.05 -3.56 23.86
C TRP A 270 -8.22 -3.10 22.65
N GLY A 271 -8.23 -1.81 22.35
CA GLY A 271 -7.41 -1.31 21.27
C GLY A 271 -7.98 -0.92 19.92
N GLY A 272 -9.20 -1.35 19.62
CA GLY A 272 -9.79 -0.99 18.33
C GLY A 272 -9.36 -1.84 17.14
N HIS A 273 -8.65 -2.94 17.38
CA HIS A 273 -8.23 -3.81 16.29
C HIS A 273 -9.45 -4.59 15.83
N GLY A 274 -9.40 -5.10 14.61
CA GLY A 274 -10.52 -5.85 14.10
C GLY A 274 -10.16 -6.66 12.87
N THR A 275 -10.95 -7.70 12.60
CA THR A 275 -10.73 -8.54 11.43
C THR A 275 -12.00 -9.33 11.09
N GLY A 276 -12.23 -9.52 9.80
CA GLY A 276 -13.40 -10.26 9.34
C GLY A 276 -12.98 -11.30 8.32
N TRP A 277 -13.87 -12.23 8.01
CA TRP A 277 -13.56 -13.29 7.05
C TRP A 277 -14.79 -14.12 6.73
N PHE A 278 -14.74 -14.86 5.63
CA PHE A 278 -15.81 -15.75 5.24
C PHE A 278 -15.40 -17.13 5.73
N ASN A 279 -16.37 -18.02 5.96
CA ASN A 279 -16.04 -19.36 6.42
C ASN A 279 -16.13 -20.46 5.37
N ASP A 280 -15.11 -21.32 5.38
CA ASP A 280 -15.02 -22.50 4.53
C ASP A 280 -14.95 -22.42 3.00
N ASP A 281 -15.70 -21.51 2.38
CA ASP A 281 -15.71 -21.43 0.93
C ASP A 281 -14.50 -20.71 0.33
N PHE A 282 -13.43 -21.47 0.09
CA PHE A 282 -12.20 -20.93 -0.47
C PHE A 282 -12.31 -20.62 -1.95
N ALA A 283 -13.43 -20.96 -2.55
CA ALA A 283 -13.64 -20.70 -3.96
C ALA A 283 -13.63 -19.18 -4.11
N LEU A 284 -14.02 -18.49 -3.06
CA LEU A 284 -14.05 -17.03 -3.06
C LEU A 284 -12.64 -16.47 -3.10
N LEU A 285 -11.74 -17.05 -2.29
CA LEU A 285 -10.36 -16.60 -2.27
C LEU A 285 -9.68 -16.99 -3.58
N GLN A 286 -10.10 -18.12 -4.14
CA GLN A 286 -9.53 -18.59 -5.40
C GLN A 286 -9.97 -17.68 -6.55
N ALA A 287 -11.15 -17.08 -6.40
CA ALA A 287 -11.66 -16.18 -7.43
C ALA A 287 -10.76 -14.95 -7.50
N ILE A 288 -10.02 -14.69 -6.41
CA ILE A 288 -9.11 -13.56 -6.32
C ILE A 288 -7.64 -13.91 -6.58
N MET A 289 -7.10 -14.81 -5.75
CA MET A 289 -5.70 -15.22 -5.86
C MET A 289 -5.38 -16.37 -6.81
N GLY A 290 -6.41 -17.03 -7.35
CA GLY A 290 -6.17 -18.13 -8.25
C GLY A 290 -5.97 -19.46 -7.54
N PRO A 291 -6.08 -20.59 -8.26
CA PRO A 291 -5.92 -21.94 -7.69
C PRO A 291 -4.54 -22.29 -7.14
N LYS A 292 -3.48 -21.78 -7.77
CA LYS A 292 -2.13 -22.07 -7.32
C LYS A 292 -1.91 -21.60 -5.88
N VAL A 293 -2.31 -20.37 -5.58
CA VAL A 293 -2.17 -19.81 -4.25
C VAL A 293 -3.09 -20.54 -3.26
N VAL A 294 -4.35 -20.70 -3.63
CA VAL A 294 -5.31 -21.36 -2.75
C VAL A 294 -4.91 -22.80 -2.38
N ASP A 295 -4.43 -23.57 -3.35
CA ASP A 295 -4.01 -24.94 -3.05
C ASP A 295 -2.85 -24.96 -2.06
N TYR A 296 -1.91 -24.02 -2.23
CA TYR A 296 -0.77 -23.94 -1.31
C TYR A 296 -1.25 -23.57 0.09
N TRP A 297 -2.30 -22.77 0.15
CA TRP A 297 -2.86 -22.30 1.40
C TRP A 297 -3.77 -23.32 2.10
N THR A 298 -4.36 -24.22 1.32
CA THR A 298 -5.30 -25.20 1.89
C THR A 298 -4.96 -26.68 1.79
N LYS A 299 -4.04 -27.05 0.90
CA LYS A 299 -3.70 -28.47 0.74
C LYS A 299 -2.20 -28.73 0.71
N GLY A 300 -1.78 -29.85 1.27
CA GLY A 300 -0.37 -30.18 1.26
C GLY A 300 0.34 -29.93 2.57
N PRO A 301 1.64 -30.26 2.65
CA PRO A 301 2.47 -30.08 3.85
C PRO A 301 2.45 -28.68 4.47
N ALA A 302 2.53 -27.64 3.64
CA ALA A 302 2.52 -26.28 4.14
C ALA A 302 1.21 -25.98 4.87
N ALA A 303 0.09 -26.28 4.21
CA ALA A 303 -1.22 -26.05 4.80
C ALA A 303 -1.39 -26.85 6.09
N GLU A 304 -0.96 -28.11 6.07
CA GLU A 304 -1.05 -28.97 7.25
C GLU A 304 -0.20 -28.43 8.39
N ARG A 305 1.00 -27.97 8.04
CA ARG A 305 1.92 -27.43 9.03
C ARG A 305 1.31 -26.18 9.69
N ALA A 306 0.61 -25.39 8.89
CA ALA A 306 -0.04 -24.18 9.38
C ALA A 306 -1.18 -24.51 10.34
N LYS A 307 -1.98 -25.51 9.99
CA LYS A 307 -3.12 -25.91 10.82
C LYS A 307 -2.62 -26.32 12.19
N GLU A 308 -1.49 -27.02 12.20
CA GLU A 308 -0.86 -27.51 13.42
C GLU A 308 -0.52 -26.37 14.37
N ARG A 309 0.04 -25.28 13.84
CA ARG A 309 0.44 -24.13 14.63
C ARG A 309 -0.75 -23.23 15.01
N LEU A 310 -1.53 -22.84 14.01
CA LEU A 310 -2.66 -21.94 14.22
C LEU A 310 -3.88 -22.55 14.91
N GLY A 311 -4.17 -23.82 14.62
CA GLY A 311 -5.31 -24.49 15.22
C GLY A 311 -5.32 -24.47 16.73
N LYS A 312 -4.17 -24.24 17.33
CA LYS A 312 -4.06 -24.19 18.79
C LYS A 312 -4.85 -23.02 19.36
N VAL A 313 -4.98 -21.94 18.58
CA VAL A 313 -5.71 -20.76 19.05
C VAL A 313 -7.03 -20.47 18.33
N LEU A 314 -7.17 -20.88 17.08
CA LEU A 314 -8.41 -20.67 16.35
C LEU A 314 -8.50 -21.51 15.08
N PRO A 315 -9.72 -21.76 14.59
CA PRO A 315 -9.90 -22.57 13.38
C PRO A 315 -9.52 -21.75 12.14
N ALA A 316 -8.24 -21.40 12.06
CA ALA A 316 -7.71 -20.60 10.96
C ALA A 316 -7.88 -21.25 9.60
N ASP A 317 -7.96 -22.56 9.55
CA ASP A 317 -8.10 -23.26 8.28
C ASP A 317 -9.43 -23.06 7.55
N ARG A 318 -10.39 -22.38 8.17
CA ARG A 318 -11.66 -22.14 7.50
C ARG A 318 -11.82 -20.66 7.13
N MET A 319 -10.85 -19.85 7.50
CA MET A 319 -10.91 -18.40 7.23
C MET A 319 -10.56 -18.05 5.78
N VAL A 320 -11.50 -17.39 5.10
CA VAL A 320 -11.35 -17.01 3.71
C VAL A 320 -11.43 -15.50 3.44
N ALA A 321 -10.48 -15.00 2.65
CA ALA A 321 -10.43 -13.58 2.30
C ALA A 321 -10.45 -12.67 3.53
N GLN A 322 -9.67 -13.04 4.54
CA GLN A 322 -9.58 -12.28 5.77
C GLN A 322 -9.02 -10.87 5.57
N HIS A 323 -9.59 -9.90 6.30
CA HIS A 323 -9.14 -8.52 6.25
C HIS A 323 -8.86 -8.12 7.69
N MET A 324 -7.83 -7.32 7.93
CA MET A 324 -7.51 -6.94 9.30
C MET A 324 -6.78 -5.60 9.46
N THR A 325 -7.05 -4.95 10.58
CA THR A 325 -6.40 -3.70 10.92
C THR A 325 -5.95 -3.73 12.37
N ILE A 326 -4.71 -3.32 12.60
CA ILE A 326 -4.17 -3.23 13.95
C ILE A 326 -4.17 -1.72 14.15
N PHE A 327 -5.02 -1.26 15.08
CA PHE A 327 -5.16 0.15 15.36
C PHE A 327 -3.80 0.81 15.62
N PRO A 328 -3.59 2.01 15.06
CA PRO A 328 -4.56 2.73 14.24
C PRO A 328 -4.45 2.55 12.73
N THR A 329 -3.23 2.35 12.23
CA THR A 329 -3.03 2.30 10.78
C THR A 329 -2.26 1.13 10.17
N CYS A 330 -2.32 -0.02 10.81
CA CYS A 330 -1.64 -1.21 10.30
C CYS A 330 -2.71 -2.14 9.71
N SER A 331 -2.71 -2.31 8.39
CA SER A 331 -3.70 -3.17 7.75
C SER A 331 -3.09 -4.21 6.82
N PHE A 332 -3.72 -5.37 6.74
CA PHE A 332 -3.23 -6.44 5.88
C PHE A 332 -4.34 -7.46 5.62
N LEU A 333 -4.15 -8.28 4.59
CA LEU A 333 -5.13 -9.28 4.20
C LEU A 333 -4.55 -10.70 4.17
N PRO A 334 -4.61 -11.42 5.30
CA PRO A 334 -4.08 -12.78 5.37
C PRO A 334 -4.62 -13.62 4.21
N GLY A 335 -3.74 -14.28 3.48
CA GLY A 335 -4.18 -15.09 2.36
C GLY A 335 -3.80 -14.38 1.06
N ILE A 336 -4.10 -13.09 0.99
CA ILE A 336 -3.75 -12.29 -0.19
C ILE A 336 -2.33 -11.79 0.09
N ASN A 337 -2.07 -11.51 1.37
CA ASN A 337 -0.78 -11.08 1.88
C ASN A 337 -0.24 -9.69 1.56
N THR A 338 -1.13 -8.74 1.31
CA THR A 338 -0.69 -7.38 1.09
C THR A 338 -0.67 -6.76 2.48
N VAL A 339 0.35 -5.95 2.75
CA VAL A 339 0.46 -5.29 4.05
C VAL A 339 0.72 -3.81 3.77
N ARG A 340 0.16 -2.93 4.59
CA ARG A 340 0.41 -1.51 4.37
C ARG A 340 0.17 -0.64 5.60
N THR A 341 0.81 0.53 5.57
CA THR A 341 0.65 1.51 6.63
C THR A 341 -0.05 2.69 5.97
N TRP A 342 -1.02 3.28 6.66
CA TRP A 342 -1.69 4.44 6.13
C TRP A 342 -1.06 5.64 6.86
N HIS A 343 -0.25 6.42 6.15
CA HIS A 343 0.38 7.58 6.78
C HIS A 343 -0.55 8.77 6.64
N PRO A 344 -0.85 9.45 7.76
CA PRO A 344 -1.75 10.60 7.71
C PRO A 344 -1.03 11.81 7.10
N ARG A 345 -1.79 12.64 6.39
CA ARG A 345 -1.26 13.83 5.75
C ARG A 345 -2.34 14.89 5.86
N GLY A 346 -2.73 15.21 7.10
CA GLY A 346 -3.79 16.17 7.31
C GLY A 346 -5.09 15.38 7.31
N PRO A 347 -6.23 16.02 7.60
CA PRO A 347 -7.53 15.32 7.62
C PRO A 347 -8.04 14.86 6.25
N ASN A 348 -7.56 15.49 5.19
CA ASN A 348 -8.03 15.17 3.83
C ASN A 348 -7.08 14.38 2.94
N GLU A 349 -6.04 13.79 3.51
CA GLU A 349 -5.10 13.04 2.69
C GLU A 349 -4.29 12.01 3.47
N ILE A 350 -3.82 10.99 2.75
CA ILE A 350 -2.97 9.96 3.33
C ILE A 350 -2.03 9.44 2.26
N GLU A 351 -1.06 8.64 2.69
CA GLU A 351 -0.13 8.00 1.78
C GLU A 351 -0.28 6.52 2.13
N VAL A 352 -0.27 5.66 1.13
CA VAL A 352 -0.37 4.22 1.35
C VAL A 352 0.98 3.62 1.01
N TRP A 353 1.65 3.05 2.01
CA TRP A 353 2.95 2.41 1.83
C TRP A 353 2.73 0.93 2.01
N SER A 354 2.65 0.20 0.90
CA SER A 354 2.38 -1.22 0.94
C SER A 354 3.52 -2.12 0.49
N PHE A 355 3.49 -3.36 0.96
CA PHE A 355 4.47 -4.36 0.58
C PHE A 355 3.82 -5.73 0.65
N ILE A 356 4.53 -6.73 0.16
CA ILE A 356 4.01 -8.09 0.10
C ILE A 356 4.86 -9.06 0.91
N VAL A 357 4.20 -9.87 1.75
CA VAL A 357 4.91 -10.85 2.55
C VAL A 357 4.58 -12.26 2.04
N VAL A 358 5.53 -13.17 2.17
CA VAL A 358 5.36 -14.55 1.74
C VAL A 358 6.06 -15.45 2.74
N ASP A 359 5.65 -16.72 2.81
CA ASP A 359 6.30 -17.64 3.73
C ASP A 359 7.72 -17.83 3.23
N ALA A 360 8.69 -17.73 4.12
CA ALA A 360 10.10 -17.88 3.76
C ALA A 360 10.43 -19.19 3.08
N ASP A 361 9.85 -20.29 3.55
CA ASP A 361 10.13 -21.59 2.96
C ASP A 361 9.15 -22.00 1.86
N ALA A 362 8.32 -21.07 1.42
CA ALA A 362 7.38 -21.38 0.36
C ALA A 362 8.12 -21.61 -0.95
N PRO A 363 7.56 -22.46 -1.84
CA PRO A 363 8.22 -22.73 -3.12
C PRO A 363 8.40 -21.41 -3.89
N GLU A 364 9.52 -21.25 -4.58
CA GLU A 364 9.77 -20.03 -5.32
C GLU A 364 8.64 -19.66 -6.28
N ASP A 365 8.00 -20.65 -6.89
CA ASP A 365 6.92 -20.37 -7.83
C ASP A 365 5.67 -19.88 -7.08
N ILE A 366 5.58 -20.21 -5.79
CA ILE A 366 4.46 -19.76 -4.99
C ILE A 366 4.71 -18.28 -4.63
N LYS A 367 5.96 -17.96 -4.32
CA LYS A 367 6.32 -16.59 -3.98
C LYS A 367 6.07 -15.68 -5.19
N GLU A 368 6.41 -16.18 -6.37
CA GLU A 368 6.23 -15.44 -7.61
C GLU A 368 4.74 -15.21 -7.88
N GLU A 369 3.93 -16.23 -7.63
CA GLU A 369 2.49 -16.13 -7.85
C GLU A 369 1.91 -15.06 -6.92
N TYR A 370 2.35 -15.05 -5.66
CA TYR A 370 1.88 -14.06 -4.71
C TYR A 370 2.26 -12.64 -5.15
N ARG A 371 3.46 -12.51 -5.72
CA ARG A 371 3.96 -11.22 -6.18
C ARG A 371 3.07 -10.69 -7.30
N ARG A 372 2.88 -11.49 -8.34
CA ARG A 372 2.07 -11.09 -9.48
C ARG A 372 0.60 -10.85 -9.13
N LYS A 373 0.00 -11.74 -8.36
CA LYS A 373 -1.41 -11.57 -7.99
C LYS A 373 -1.60 -10.28 -7.19
N ASN A 374 -0.66 -9.98 -6.31
CA ASN A 374 -0.75 -8.75 -5.51
C ASN A 374 -0.66 -7.49 -6.36
N ILE A 375 0.28 -7.47 -7.31
CA ILE A 375 0.43 -6.32 -8.20
C ILE A 375 -0.86 -6.12 -8.99
N PHE A 376 -1.43 -7.23 -9.44
CA PHE A 376 -2.66 -7.24 -10.22
C PHE A 376 -3.90 -6.78 -9.45
N THR A 377 -3.96 -7.10 -8.15
CA THR A 377 -5.14 -6.78 -7.36
C THR A 377 -5.08 -5.62 -6.36
N PHE A 378 -4.24 -5.76 -5.34
CA PHE A 378 -4.17 -4.76 -4.28
C PHE A 378 -3.02 -3.76 -4.29
N ASN A 379 -2.47 -3.51 -5.47
CA ASN A 379 -1.41 -2.53 -5.62
C ASN A 379 -2.15 -1.34 -6.20
N GLN A 380 -1.63 -0.14 -6.01
CA GLN A 380 -2.28 1.02 -6.61
C GLN A 380 -2.15 0.70 -8.10
N GLY A 381 -3.26 0.73 -8.80
CA GLY A 381 -3.23 0.39 -10.22
C GLY A 381 -3.86 -0.99 -10.39
N GLY A 382 -4.08 -1.67 -9.25
CA GLY A 382 -4.68 -2.99 -9.27
C GLY A 382 -6.18 -2.96 -9.49
N THR A 383 -6.75 -4.10 -9.86
CA THR A 383 -8.19 -4.19 -10.13
C THR A 383 -9.12 -4.15 -8.92
N TYR A 384 -8.55 -4.13 -7.72
CA TYR A 384 -9.34 -4.07 -6.50
C TYR A 384 -9.06 -2.74 -5.78
N GLU A 385 -7.80 -2.50 -5.46
CA GLU A 385 -7.38 -1.31 -4.74
C GLU A 385 -7.91 0.01 -5.30
N GLN A 386 -7.92 0.17 -6.62
CA GLN A 386 -8.40 1.43 -7.19
C GLN A 386 -9.86 1.73 -6.85
N ASP A 387 -10.71 0.70 -6.81
CA ASP A 387 -12.11 0.93 -6.46
C ASP A 387 -12.26 1.21 -4.96
N ASP A 388 -11.28 0.82 -4.16
CA ASP A 388 -11.32 1.08 -2.72
C ASP A 388 -11.16 2.59 -2.47
N GLY A 389 -10.13 3.17 -3.07
CA GLY A 389 -9.90 4.60 -2.90
C GLY A 389 -10.98 5.46 -3.50
N GLU A 390 -11.62 4.96 -4.56
CA GLU A 390 -12.68 5.69 -5.25
C GLU A 390 -13.76 6.15 -4.27
N ASN A 391 -14.17 5.27 -3.37
CA ASN A 391 -15.20 5.61 -2.38
C ASN A 391 -14.71 6.62 -1.34
N TRP A 392 -13.51 6.38 -0.80
CA TRP A 392 -12.96 7.28 0.21
C TRP A 392 -12.81 8.70 -0.33
N VAL A 393 -12.30 8.81 -1.54
CA VAL A 393 -12.10 10.10 -2.19
C VAL A 393 -13.40 10.90 -2.34
N GLU A 394 -14.45 10.22 -2.81
CA GLU A 394 -15.75 10.86 -2.99
C GLU A 394 -16.33 11.27 -1.65
N VAL A 395 -16.14 10.44 -0.64
CA VAL A 395 -16.64 10.74 0.69
C VAL A 395 -15.99 12.00 1.24
N GLN A 396 -14.67 12.09 1.07
CA GLN A 396 -13.92 13.23 1.57
C GLN A 396 -14.37 14.53 0.90
N ARG A 397 -14.59 14.49 -0.40
CA ARG A 397 -15.03 15.67 -1.15
C ARG A 397 -16.35 16.20 -0.60
N GLY A 398 -17.27 15.29 -0.34
CA GLY A 398 -18.58 15.67 0.18
C GLY A 398 -18.54 16.34 1.54
N LEU A 399 -17.54 16.03 2.34
CA LEU A 399 -17.44 16.62 3.68
C LEU A 399 -17.15 18.12 3.71
N ARG A 400 -17.03 18.74 2.55
CA ARG A 400 -16.82 20.19 2.48
C ARG A 400 -18.16 20.83 2.84
N GLY A 401 -19.24 20.14 2.51
CA GLY A 401 -20.57 20.65 2.79
C GLY A 401 -20.91 20.75 4.27
N TYR A 402 -21.59 21.83 4.65
CA TYR A 402 -21.98 22.04 6.04
C TYR A 402 -23.02 21.01 6.48
N LYS A 403 -24.08 20.83 5.69
CA LYS A 403 -25.10 19.86 6.03
C LYS A 403 -24.52 18.45 6.00
N ALA A 404 -23.56 18.22 5.11
CA ALA A 404 -22.93 16.90 5.00
C ALA A 404 -22.19 16.52 6.29
N ARG A 405 -21.83 17.53 7.08
CA ARG A 405 -21.13 17.31 8.35
C ARG A 405 -22.03 17.52 9.57
N SER A 406 -23.30 17.79 9.33
CA SER A 406 -24.24 18.08 10.42
C SER A 406 -25.02 16.93 11.03
N ARG A 407 -25.02 15.77 10.38
CA ARG A 407 -25.73 14.60 10.90
C ARG A 407 -24.79 13.40 10.98
N PRO A 408 -25.01 12.51 11.96
CA PRO A 408 -24.14 11.35 12.10
C PRO A 408 -24.23 10.30 10.99
N LEU A 409 -23.12 9.60 10.77
CA LEU A 409 -23.05 8.54 9.79
C LEU A 409 -23.57 7.31 10.52
N CYS A 410 -24.20 6.40 9.78
CA CYS A 410 -24.78 5.19 10.37
C CYS A 410 -23.82 4.03 10.54
N ALA A 411 -23.43 3.78 11.78
CA ALA A 411 -22.51 2.70 12.11
C ALA A 411 -23.18 1.71 13.07
N GLN A 412 -24.50 1.53 12.95
CA GLN A 412 -25.18 0.61 13.86
C GLN A 412 -25.38 -0.82 13.38
N MET A 413 -24.95 -1.13 12.16
CA MET A 413 -25.11 -2.49 11.64
C MET A 413 -24.76 -3.56 12.68
N GLY A 414 -25.76 -4.36 13.05
CA GLY A 414 -25.55 -5.43 14.02
C GLY A 414 -25.38 -5.02 15.47
N ALA A 415 -25.50 -3.73 15.75
CA ALA A 415 -25.33 -3.24 17.11
C ALA A 415 -26.39 -3.83 18.05
N GLY A 416 -25.92 -4.53 19.09
CA GLY A 416 -26.84 -5.12 20.05
C GLY A 416 -27.62 -6.31 19.53
N VAL A 417 -27.38 -6.70 18.28
CA VAL A 417 -28.09 -7.83 17.70
C VAL A 417 -27.46 -9.15 18.16
N PRO A 418 -28.26 -10.00 18.84
CA PRO A 418 -27.79 -11.30 19.34
C PRO A 418 -27.74 -12.41 18.30
N ASN A 419 -27.09 -13.51 18.68
CA ASN A 419 -26.97 -14.69 17.84
C ASN A 419 -26.14 -14.52 16.56
N LYS A 420 -25.19 -13.60 16.57
CA LYS A 420 -24.35 -13.38 15.38
C LYS A 420 -22.90 -13.80 15.66
N ASN A 421 -22.59 -14.03 16.94
CA ASN A 421 -21.24 -14.43 17.33
C ASN A 421 -21.00 -15.91 17.04
N ASN A 422 -19.73 -16.31 17.06
CA ASN A 422 -19.37 -17.70 16.85
C ASN A 422 -18.33 -18.03 17.90
N PRO A 423 -18.74 -18.67 19.01
CA PRO A 423 -17.84 -19.03 20.09
C PRO A 423 -16.61 -19.84 19.67
N GLU A 424 -16.67 -20.48 18.50
CA GLU A 424 -15.52 -21.26 18.03
C GLU A 424 -14.29 -20.37 17.88
N PHE A 425 -14.51 -19.09 17.65
CA PHE A 425 -13.39 -18.13 17.51
C PHE A 425 -13.22 -17.37 18.82
N PRO A 426 -11.98 -17.10 19.21
CA PRO A 426 -11.70 -16.38 20.47
C PRO A 426 -12.05 -14.89 20.45
N GLY A 427 -12.54 -14.41 21.58
CA GLY A 427 -12.90 -13.00 21.71
C GLY A 427 -14.31 -12.66 21.28
N LYS A 428 -14.59 -11.36 21.20
CA LYS A 428 -15.89 -10.86 20.80
C LYS A 428 -16.04 -10.98 19.28
N THR A 429 -17.05 -11.73 18.84
CA THR A 429 -17.27 -11.88 17.41
C THR A 429 -18.70 -11.58 17.01
N SER A 430 -18.90 -11.39 15.70
CA SER A 430 -20.20 -11.10 15.13
C SER A 430 -20.19 -11.59 13.69
N TYR A 431 -21.25 -11.28 12.95
CA TYR A 431 -21.37 -11.70 11.56
C TYR A 431 -20.29 -11.06 10.69
N VAL A 432 -19.97 -11.69 9.56
CA VAL A 432 -18.96 -11.16 8.65
C VAL A 432 -19.37 -9.74 8.18
N TYR A 433 -20.65 -9.54 7.96
CA TYR A 433 -21.14 -8.20 7.58
C TYR A 433 -21.61 -7.60 8.88
N SER A 434 -20.75 -6.77 9.48
CA SER A 434 -21.04 -6.15 10.75
C SER A 434 -20.15 -4.95 10.97
N GLU A 435 -20.57 -4.07 11.87
CA GLU A 435 -19.79 -2.88 12.17
C GLU A 435 -19.40 -2.82 13.64
N GLU A 436 -19.40 -4.00 14.27
CA GLU A 436 -19.01 -4.13 15.67
C GLU A 436 -17.53 -3.76 15.79
N ALA A 437 -16.73 -4.31 14.89
CA ALA A 437 -15.29 -4.01 14.89
C ALA A 437 -15.10 -2.51 14.64
N ALA A 438 -15.88 -1.97 13.71
CA ALA A 438 -15.79 -0.54 13.39
C ALA A 438 -16.15 0.27 14.64
N ARG A 439 -17.20 -0.15 15.32
CA ARG A 439 -17.64 0.51 16.54
C ARG A 439 -16.48 0.51 17.53
N GLY A 440 -15.77 -0.62 17.61
CA GLY A 440 -14.64 -0.73 18.50
C GLY A 440 -13.52 0.18 18.06
N PHE A 441 -13.32 0.24 16.74
CA PHE A 441 -12.28 1.07 16.15
C PHE A 441 -12.49 2.54 16.55
N TYR A 442 -13.67 3.08 16.24
CA TYR A 442 -13.97 4.47 16.57
C TYR A 442 -14.05 4.74 18.07
N HIS A 443 -14.50 3.74 18.83
CA HIS A 443 -14.59 3.90 20.28
C HIS A 443 -13.19 4.06 20.86
N HIS A 444 -12.26 3.22 20.44
CA HIS A 444 -10.91 3.33 20.98
C HIS A 444 -10.29 4.66 20.52
N TRP A 445 -10.64 5.08 19.32
CA TRP A 445 -10.15 6.35 18.79
C TRP A 445 -10.62 7.46 19.74
N SER A 446 -11.90 7.46 20.06
CA SER A 446 -12.47 8.46 20.93
C SER A 446 -11.80 8.45 22.32
N ARG A 447 -11.38 7.27 22.77
CA ARG A 447 -10.72 7.16 24.06
C ARG A 447 -9.32 7.76 24.03
N MET A 448 -8.51 7.40 23.04
CA MET A 448 -7.16 7.96 22.95
C MET A 448 -7.23 9.49 22.84
N MET A 449 -8.24 9.96 22.10
CA MET A 449 -8.45 11.39 21.87
C MET A 449 -8.95 12.17 23.09
N SER A 450 -9.63 11.49 24.01
CA SER A 450 -10.20 12.14 25.18
C SER A 450 -9.55 11.80 26.53
N GLU A 451 -8.65 10.83 26.53
CA GLU A 451 -7.98 10.42 27.77
C GLU A 451 -6.50 10.79 27.76
N PRO A 452 -6.13 11.83 28.51
CA PRO A 452 -4.76 12.35 28.64
C PRO A 452 -3.70 11.37 29.11
N SER A 453 -4.03 10.56 30.11
CA SER A 453 -3.07 9.63 30.67
C SER A 453 -3.33 8.15 30.43
N TRP A 454 -2.25 7.40 30.29
CA TRP A 454 -2.35 5.96 30.10
C TRP A 454 -2.90 5.30 31.36
N ASP A 455 -2.93 6.04 32.46
CA ASP A 455 -3.45 5.50 33.71
C ASP A 455 -4.87 4.97 33.50
N THR A 456 -5.64 5.65 32.64
CA THR A 456 -6.99 5.21 32.35
C THR A 456 -7.05 4.53 30.99
N LEU A 457 -6.26 5.06 30.05
CA LEU A 457 -6.23 4.53 28.69
C LEU A 457 -5.81 3.07 28.57
N LYS A 458 -4.85 2.62 29.39
CA LYS A 458 -4.41 1.24 29.29
C LYS A 458 -5.48 0.26 29.78
N SER A 459 -6.53 0.77 30.42
CA SER A 459 -7.61 -0.07 30.92
C SER A 459 -8.70 -0.27 29.88
N ASP B 5 19.87 -2.04 -18.52
CA ASP B 5 20.18 -0.99 -17.49
C ASP B 5 19.26 0.22 -17.73
N LEU B 6 18.25 0.36 -16.90
CA LEU B 6 17.32 1.46 -17.02
C LEU B 6 17.90 2.81 -16.60
N THR B 7 19.11 2.81 -16.05
CA THR B 7 19.74 4.07 -15.64
C THR B 7 20.57 4.66 -16.77
N LYS B 8 20.54 4.00 -17.92
CA LYS B 8 21.24 4.47 -19.11
C LYS B 8 20.25 4.37 -20.25
N PRO B 9 20.34 5.29 -21.23
CA PRO B 9 19.43 5.26 -22.38
C PRO B 9 19.63 4.05 -23.27
N ILE B 10 18.66 3.77 -24.14
CA ILE B 10 18.80 2.65 -25.05
C ILE B 10 19.95 3.09 -25.96
N GLU B 11 20.58 2.14 -26.64
CA GLU B 11 21.71 2.45 -27.51
C GLU B 11 21.27 2.98 -28.87
N TRP B 12 20.63 4.14 -28.91
CA TRP B 12 20.19 4.67 -30.19
C TRP B 12 21.37 5.06 -31.07
N PRO B 13 21.21 4.93 -32.40
CA PRO B 13 22.31 5.29 -33.31
C PRO B 13 22.51 6.79 -33.37
N GLU B 14 23.74 7.23 -33.63
CA GLU B 14 24.02 8.66 -33.72
C GLU B 14 23.31 9.20 -34.96
N MET B 15 23.29 8.39 -36.01
CA MET B 15 22.60 8.76 -37.26
C MET B 15 21.22 8.13 -37.12
N PRO B 16 20.15 8.93 -37.21
CA PRO B 16 18.78 8.42 -37.09
C PRO B 16 18.29 7.54 -38.23
N VAL B 17 17.31 6.69 -37.93
CA VAL B 17 16.73 5.79 -38.94
C VAL B 17 16.07 6.59 -40.05
N SER B 18 15.65 5.88 -41.10
CA SER B 18 15.00 6.50 -42.26
C SER B 18 13.73 7.27 -41.95
N LEU B 19 13.40 8.21 -42.83
CA LEU B 19 12.21 9.03 -42.68
C LEU B 19 10.97 8.14 -42.65
N GLU B 20 10.92 7.19 -43.57
CA GLU B 20 9.80 6.26 -43.69
C GLU B 20 9.55 5.49 -42.39
N LEU B 21 10.61 4.97 -41.79
CA LEU B 21 10.47 4.21 -40.54
C LEU B 21 10.07 5.11 -39.38
N GLN B 22 10.69 6.30 -39.30
CA GLN B 22 10.41 7.26 -38.24
C GLN B 22 8.93 7.65 -38.25
N ASN B 23 8.39 7.92 -39.43
CA ASN B 23 7.00 8.32 -39.56
C ASN B 23 6.04 7.18 -39.24
N ALA B 24 6.36 5.98 -39.68
CA ALA B 24 5.49 4.83 -39.41
C ALA B 24 5.35 4.59 -37.90
N VAL B 25 6.48 4.65 -37.19
CA VAL B 25 6.46 4.43 -35.75
C VAL B 25 5.68 5.53 -35.02
N GLU B 26 5.92 6.79 -35.36
CA GLU B 26 5.20 7.90 -34.72
C GLU B 26 3.71 7.77 -34.99
N GLN B 27 3.35 7.54 -36.25
CA GLN B 27 1.95 7.42 -36.64
C GLN B 27 1.26 6.25 -35.93
N PHE B 28 2.03 5.20 -35.67
CA PHE B 28 1.50 4.03 -34.96
C PHE B 28 1.20 4.47 -33.53
N TYR B 29 2.16 5.13 -32.88
CA TYR B 29 1.97 5.59 -31.51
C TYR B 29 0.81 6.57 -31.36
N TYR B 30 0.64 7.47 -32.33
CA TYR B 30 -0.45 8.44 -32.24
C TYR B 30 -1.79 7.73 -32.31
N ARG B 31 -1.85 6.67 -33.12
CA ARG B 31 -3.09 5.90 -33.24
C ARG B 31 -3.32 5.12 -31.95
N GLU B 32 -2.26 4.56 -31.39
CA GLU B 32 -2.39 3.82 -30.13
C GLU B 32 -2.99 4.76 -29.09
N ALA B 33 -2.45 5.97 -29.01
CA ALA B 33 -2.91 6.98 -28.06
C ALA B 33 -4.40 7.26 -28.25
N GLN B 34 -4.82 7.35 -29.51
CA GLN B 34 -6.23 7.61 -29.81
C GLN B 34 -7.12 6.49 -29.26
N LEU B 35 -6.66 5.24 -29.36
CA LEU B 35 -7.44 4.11 -28.89
C LEU B 35 -7.67 4.20 -27.38
N LEU B 36 -6.63 4.61 -26.65
CA LEU B 36 -6.74 4.75 -25.21
C LEU B 36 -7.65 5.93 -24.84
N ASP B 37 -7.48 7.05 -25.53
CA ASP B 37 -8.26 8.25 -25.27
C ASP B 37 -9.74 8.16 -25.63
N TYR B 38 -10.10 7.20 -26.48
CA TYR B 38 -11.49 7.03 -26.86
C TYR B 38 -12.04 5.73 -26.27
N GLN B 39 -11.28 5.17 -25.34
CA GLN B 39 -11.67 3.94 -24.63
C GLN B 39 -11.90 2.70 -25.47
N ASN B 40 -11.21 2.56 -26.59
CA ASN B 40 -11.37 1.35 -27.39
C ASN B 40 -10.27 0.42 -26.93
N TYR B 41 -10.42 -0.09 -25.71
CA TYR B 41 -9.42 -0.95 -25.09
C TYR B 41 -9.17 -2.28 -25.79
N GLU B 42 -10.20 -2.84 -26.40
CA GLU B 42 -10.03 -4.11 -27.10
C GLU B 42 -9.11 -3.92 -28.30
N ALA B 43 -9.34 -2.86 -29.07
CA ALA B 43 -8.51 -2.58 -30.22
C ALA B 43 -7.07 -2.30 -29.76
N TRP B 44 -6.95 -1.71 -28.56
CA TRP B 44 -5.64 -1.41 -28.00
C TRP B 44 -4.93 -2.70 -27.63
N LEU B 45 -5.65 -3.58 -26.94
CA LEU B 45 -5.11 -4.86 -26.53
C LEU B 45 -4.57 -5.62 -27.75
N ALA B 46 -5.27 -5.48 -28.88
CA ALA B 46 -4.87 -6.14 -30.11
C ALA B 46 -3.52 -5.67 -30.66
N LEU B 47 -2.96 -4.60 -30.10
CA LEU B 47 -1.67 -4.11 -30.57
C LEU B 47 -0.50 -4.76 -29.82
N LEU B 48 -0.83 -5.53 -28.79
CA LEU B 48 0.20 -6.20 -27.99
C LEU B 48 0.39 -7.66 -28.45
N THR B 49 1.62 -8.14 -28.40
CA THR B 49 1.90 -9.52 -28.78
C THR B 49 1.54 -10.41 -27.61
N GLN B 50 1.36 -11.70 -27.87
CA GLN B 50 1.02 -12.66 -26.84
C GLN B 50 2.15 -12.75 -25.81
N ASP B 51 3.37 -12.41 -26.23
CA ASP B 51 4.53 -12.47 -25.34
C ASP B 51 4.80 -11.16 -24.62
N ILE B 52 3.92 -10.18 -24.79
CA ILE B 52 4.14 -8.88 -24.16
C ILE B 52 4.45 -8.95 -22.67
N GLN B 53 5.38 -8.10 -22.26
CA GLN B 53 5.76 -7.94 -20.87
C GLN B 53 5.56 -6.43 -20.68
N TYR B 54 4.46 -6.07 -20.03
CA TYR B 54 4.10 -4.67 -19.78
C TYR B 54 4.52 -4.38 -18.34
N TRP B 55 5.64 -3.66 -18.20
CA TRP B 55 6.20 -3.40 -16.88
C TRP B 55 6.49 -1.95 -16.54
N MET B 56 6.06 -1.54 -15.35
CA MET B 56 6.30 -0.17 -14.86
C MET B 56 6.89 -0.30 -13.45
N PRO B 57 8.23 -0.36 -13.36
CA PRO B 57 8.95 -0.49 -12.09
C PRO B 57 8.81 0.66 -11.09
N ILE B 58 8.99 0.31 -9.82
CA ILE B 58 8.95 1.26 -8.73
C ILE B 58 10.31 1.95 -8.75
N ARG B 59 10.33 3.26 -8.59
CA ARG B 59 11.59 4.00 -8.59
C ARG B 59 11.85 4.61 -7.22
N THR B 60 13.09 4.51 -6.77
CA THR B 60 13.46 5.01 -5.46
C THR B 60 14.55 6.07 -5.46
N THR B 61 14.68 6.75 -4.33
CA THR B 61 15.62 7.85 -4.17
C THR B 61 16.96 7.45 -3.51
N HIS B 62 18.05 7.75 -4.20
CA HIS B 62 19.40 7.46 -3.72
C HIS B 62 20.36 8.51 -4.27
N THR B 63 21.56 8.56 -3.71
CA THR B 63 22.59 9.49 -4.18
C THR B 63 22.97 9.01 -5.58
N SER B 64 23.55 9.89 -6.40
CA SER B 64 23.94 9.53 -7.75
C SER B 64 24.89 8.32 -7.78
N ARG B 65 25.80 8.24 -6.81
CA ARG B 65 26.74 7.14 -6.76
C ARG B 65 26.00 5.82 -6.57
N ASN B 66 24.89 5.87 -5.83
CA ASN B 66 24.09 4.69 -5.54
C ASN B 66 22.92 4.54 -6.53
N LYS B 67 23.01 5.23 -7.66
CA LYS B 67 21.93 5.19 -8.65
C LYS B 67 21.58 3.79 -9.14
N ALA B 68 22.48 2.84 -8.95
CA ALA B 68 22.20 1.47 -9.39
C ALA B 68 21.07 0.88 -8.56
N MET B 69 20.74 1.54 -7.46
CA MET B 69 19.67 1.08 -6.57
C MET B 69 18.34 1.79 -6.83
N GLU B 70 18.32 2.70 -7.80
CA GLU B 70 17.10 3.45 -8.11
C GLU B 70 15.88 2.58 -8.44
N TYR B 71 16.05 1.67 -9.39
CA TYR B 71 14.97 0.80 -9.84
C TYR B 71 14.82 -0.51 -9.09
N VAL B 72 13.60 -0.81 -8.64
CA VAL B 72 13.34 -2.08 -7.99
C VAL B 72 13.51 -3.05 -9.15
N PRO B 73 14.46 -3.99 -9.03
CA PRO B 73 14.73 -4.98 -10.08
C PRO B 73 13.59 -5.89 -10.49
N PRO B 74 13.72 -6.55 -11.66
CA PRO B 74 12.69 -7.46 -12.15
C PRO B 74 12.54 -8.55 -11.09
N GLY B 75 11.32 -9.06 -10.93
CA GLY B 75 11.11 -10.09 -9.93
C GLY B 75 10.73 -9.45 -8.60
N GLY B 76 10.75 -8.13 -8.55
CA GLY B 76 10.38 -7.44 -7.32
C GLY B 76 8.98 -6.85 -7.45
N ASN B 77 8.55 -6.12 -6.44
CA ASN B 77 7.23 -5.49 -6.48
C ASN B 77 7.29 -4.42 -7.57
N ALA B 78 6.14 -4.05 -8.12
CA ALA B 78 6.11 -3.03 -9.17
C ALA B 78 4.72 -2.43 -9.27
N HIS B 79 4.60 -1.35 -10.05
CA HIS B 79 3.30 -0.71 -10.24
C HIS B 79 2.52 -1.57 -11.23
N PHE B 80 3.21 -2.02 -12.27
CA PHE B 80 2.65 -2.89 -13.30
C PHE B 80 3.72 -3.92 -13.70
N ASP B 81 3.28 -5.17 -13.89
CA ASP B 81 4.17 -6.25 -14.33
C ASP B 81 3.15 -7.21 -14.93
N GLU B 82 2.76 -6.90 -16.17
CA GLU B 82 1.72 -7.66 -16.85
C GLU B 82 2.09 -8.53 -18.05
N THR B 83 1.14 -9.42 -18.38
CA THR B 83 1.24 -10.32 -19.51
C THR B 83 0.04 -10.00 -20.40
N TYR B 84 -0.02 -10.61 -21.58
CA TYR B 84 -1.15 -10.36 -22.47
C TYR B 84 -2.47 -10.70 -21.80
N GLU B 85 -2.52 -11.83 -21.11
CA GLU B 85 -3.74 -12.24 -20.45
C GLU B 85 -4.11 -11.38 -19.23
N SER B 86 -3.12 -10.90 -18.49
CA SER B 86 -3.44 -10.06 -17.33
C SER B 86 -4.00 -8.73 -17.85
N MET B 87 -3.45 -8.23 -18.95
CA MET B 87 -3.93 -6.98 -19.53
C MET B 87 -5.36 -7.21 -20.03
N ARG B 88 -5.59 -8.36 -20.63
CA ARG B 88 -6.90 -8.71 -21.14
C ARG B 88 -7.90 -8.73 -19.99
N ALA B 89 -7.47 -9.29 -18.86
CA ALA B 89 -8.32 -9.39 -17.68
C ALA B 89 -8.63 -7.99 -17.13
N ARG B 90 -7.63 -7.11 -17.11
CA ARG B 90 -7.84 -5.74 -16.62
C ARG B 90 -8.86 -5.06 -17.54
N ILE B 91 -8.73 -5.31 -18.84
CA ILE B 91 -9.62 -4.71 -19.83
C ILE B 91 -11.05 -5.21 -19.61
N ARG B 92 -11.19 -6.50 -19.31
CA ARG B 92 -12.51 -7.08 -19.07
C ARG B 92 -13.22 -6.30 -17.97
N ALA B 93 -12.50 -6.00 -16.90
CA ALA B 93 -13.06 -5.25 -15.79
C ALA B 93 -13.38 -3.80 -16.20
N ARG B 94 -12.46 -3.18 -16.93
CA ARG B 94 -12.63 -1.79 -17.36
C ARG B 94 -13.91 -1.52 -18.16
N VAL B 95 -14.24 -2.41 -19.09
CA VAL B 95 -15.44 -2.22 -19.91
C VAL B 95 -16.68 -2.93 -19.40
N SER B 96 -16.64 -3.41 -18.16
CA SER B 96 -17.77 -4.14 -17.58
C SER B 96 -18.93 -3.25 -17.15
N GLY B 97 -18.66 -1.97 -16.94
CA GLY B 97 -19.70 -1.08 -16.50
C GLY B 97 -19.82 -1.17 -14.98
N LEU B 98 -18.88 -1.85 -14.35
CA LEU B 98 -18.88 -2.01 -12.90
C LEU B 98 -17.57 -1.54 -12.25
N ASN B 99 -16.66 -1.03 -13.08
CA ASN B 99 -15.37 -0.54 -12.58
C ASN B 99 -15.56 0.94 -12.20
N TRP B 100 -16.14 1.15 -11.03
CA TRP B 100 -16.45 2.48 -10.50
C TRP B 100 -15.36 3.53 -10.64
N THR B 101 -14.11 3.13 -10.42
CA THR B 101 -13.02 4.08 -10.52
C THR B 101 -12.90 4.67 -11.92
N GLU B 102 -13.33 3.93 -12.94
CA GLU B 102 -13.26 4.43 -14.32
C GLU B 102 -14.64 4.41 -15.00
N ASP B 103 -15.69 4.56 -14.21
CA ASP B 103 -17.04 4.59 -14.74
C ASP B 103 -17.90 5.36 -13.74
N PRO B 104 -18.23 6.63 -14.04
CA PRO B 104 -17.89 7.41 -15.24
C PRO B 104 -16.41 7.37 -15.61
N PRO B 105 -16.12 7.29 -16.91
CA PRO B 105 -14.75 7.24 -17.44
C PRO B 105 -14.01 8.57 -17.38
N SER B 106 -12.69 8.51 -17.28
CA SER B 106 -11.86 9.71 -17.24
C SER B 106 -11.74 10.30 -18.65
N ARG B 107 -11.36 11.57 -18.72
CA ARG B 107 -11.13 12.23 -20.00
C ARG B 107 -9.62 12.26 -20.05
N SER B 108 -9.03 11.50 -20.97
CA SER B 108 -7.59 11.44 -21.05
C SER B 108 -7.04 11.91 -22.38
N ARG B 109 -5.74 12.22 -22.37
CA ARG B 109 -5.04 12.62 -23.56
C ARG B 109 -3.63 12.04 -23.43
N HIS B 110 -3.27 11.17 -24.37
CA HIS B 110 -1.97 10.54 -24.37
C HIS B 110 -1.07 11.20 -25.39
N ILE B 111 -0.34 12.22 -24.94
CA ILE B 111 0.58 12.92 -25.81
C ILE B 111 1.88 12.14 -25.92
N VAL B 112 2.38 11.99 -27.14
CA VAL B 112 3.61 11.25 -27.39
C VAL B 112 4.59 12.12 -28.18
N SER B 113 5.86 12.10 -27.78
CA SER B 113 6.87 12.88 -28.50
C SER B 113 8.25 12.27 -28.28
N ASN B 114 9.28 12.93 -28.83
CA ASN B 114 10.65 12.48 -28.66
C ASN B 114 10.87 11.02 -29.07
N VAL B 115 10.24 10.61 -30.18
CA VAL B 115 10.38 9.24 -30.65
C VAL B 115 11.75 8.94 -31.27
N ILE B 116 12.51 8.07 -30.62
CA ILE B 116 13.84 7.68 -31.08
C ILE B 116 13.83 6.18 -31.34
N VAL B 117 14.16 5.80 -32.58
CA VAL B 117 14.15 4.41 -32.97
C VAL B 117 15.53 3.78 -33.10
N ARG B 118 15.65 2.52 -32.67
CA ARG B 118 16.88 1.76 -32.79
C ARG B 118 16.56 0.45 -33.49
N GLU B 119 17.30 0.16 -34.56
CA GLU B 119 17.09 -1.08 -35.30
C GLU B 119 17.96 -2.17 -34.65
N THR B 120 17.34 -3.27 -34.27
CA THR B 120 18.07 -4.36 -33.64
C THR B 120 18.67 -5.28 -34.71
N GLU B 121 19.37 -6.31 -34.26
CA GLU B 121 19.97 -7.26 -35.17
C GLU B 121 18.92 -8.10 -35.88
N SER B 122 17.72 -8.15 -35.31
CA SER B 122 16.63 -8.91 -35.92
C SER B 122 15.80 -8.01 -36.81
N ALA B 123 15.77 -8.31 -38.10
CA ALA B 123 15.01 -7.51 -39.04
C ALA B 123 13.54 -7.44 -38.60
N GLY B 124 12.95 -6.26 -38.71
CA GLY B 124 11.56 -6.10 -38.30
C GLY B 124 11.37 -5.88 -36.82
N THR B 125 12.43 -6.04 -36.03
CA THR B 125 12.34 -5.83 -34.60
C THR B 125 13.07 -4.54 -34.24
N LEU B 126 12.36 -3.64 -33.57
CA LEU B 126 12.90 -2.34 -33.17
C LEU B 126 12.80 -2.11 -31.67
N GLU B 127 13.70 -1.28 -31.16
CA GLU B 127 13.67 -0.89 -29.76
C GLU B 127 13.42 0.61 -29.85
N VAL B 128 12.34 1.08 -29.24
CA VAL B 128 11.99 2.50 -29.32
C VAL B 128 11.84 3.23 -28.00
N SER B 129 12.35 4.46 -27.97
CA SER B 129 12.25 5.32 -26.81
C SER B 129 11.30 6.46 -27.17
N SER B 130 10.44 6.84 -26.24
CA SER B 130 9.51 7.95 -26.49
C SER B 130 9.05 8.53 -25.17
N ALA B 131 8.91 9.84 -25.13
CA ALA B 131 8.45 10.53 -23.94
C ALA B 131 6.94 10.62 -24.01
N PHE B 132 6.29 10.57 -22.85
CA PHE B 132 4.84 10.67 -22.84
C PHE B 132 4.35 11.60 -21.74
N LEU B 133 3.21 12.22 -22.00
CA LEU B 133 2.56 13.05 -21.00
C LEU B 133 1.11 12.65 -21.14
N CYS B 134 0.64 11.89 -20.15
CA CYS B 134 -0.74 11.45 -20.15
C CYS B 134 -1.53 12.34 -19.20
N TYR B 135 -2.43 13.13 -19.77
CA TYR B 135 -3.28 14.04 -19.00
C TYR B 135 -4.56 13.30 -18.66
N ARG B 136 -5.03 13.46 -17.43
CA ARG B 136 -6.28 12.82 -17.04
C ARG B 136 -7.14 13.74 -16.21
N ASN B 137 -8.39 13.90 -16.65
CA ASN B 137 -9.34 14.74 -15.95
C ASN B 137 -10.57 13.90 -15.68
N ARG B 138 -11.09 13.96 -14.46
CA ARG B 138 -12.25 13.14 -14.13
C ARG B 138 -13.20 13.77 -13.11
N LEU B 139 -14.41 13.22 -13.05
CA LEU B 139 -15.45 13.69 -12.15
C LEU B 139 -15.68 15.17 -12.43
N GLU B 140 -15.62 16.01 -11.40
CA GLU B 140 -15.85 17.43 -11.62
C GLU B 140 -14.58 18.23 -11.89
N ARG B 141 -13.59 18.07 -11.03
CA ARG B 141 -12.37 18.85 -11.14
C ARG B 141 -11.07 18.08 -10.92
N MET B 142 -11.13 16.76 -10.87
CA MET B 142 -9.91 15.99 -10.64
C MET B 142 -9.01 15.99 -11.87
N THR B 143 -7.76 16.41 -11.69
CA THR B 143 -6.82 16.49 -12.79
C THR B 143 -5.45 15.93 -12.39
N ASP B 144 -4.88 15.07 -13.24
CA ASP B 144 -3.58 14.48 -12.99
C ASP B 144 -2.73 14.47 -14.25
N ILE B 145 -1.42 14.54 -14.06
CA ILE B 145 -0.46 14.52 -15.17
C ILE B 145 0.54 13.41 -14.90
N TYR B 146 0.67 12.51 -15.86
CA TYR B 146 1.61 11.40 -15.75
C TYR B 146 2.65 11.61 -16.85
N VAL B 147 3.90 11.81 -16.45
CA VAL B 147 4.98 12.02 -17.40
C VAL B 147 6.07 10.97 -17.22
N GLY B 148 6.63 10.52 -18.34
CA GLY B 148 7.69 9.54 -18.28
C GLY B 148 8.20 9.17 -19.65
N GLU B 149 8.81 8.00 -19.75
CA GLU B 149 9.34 7.51 -21.01
C GLU B 149 8.93 6.06 -21.17
N ARG B 150 8.70 5.65 -22.40
CA ARG B 150 8.36 4.27 -22.66
C ARG B 150 9.46 3.70 -23.52
N ARG B 151 9.92 2.51 -23.15
CA ARG B 151 10.95 1.81 -23.90
C ARG B 151 10.26 0.57 -24.42
N ASP B 152 10.06 0.52 -25.73
CA ASP B 152 9.38 -0.61 -26.34
C ASP B 152 10.25 -1.43 -27.26
N ILE B 153 9.76 -2.64 -27.51
CA ILE B 153 10.36 -3.53 -28.47
C ILE B 153 9.16 -3.68 -29.39
N LEU B 154 9.27 -3.17 -30.61
CA LEU B 154 8.18 -3.25 -31.57
C LEU B 154 8.50 -4.20 -32.70
N LEU B 155 7.48 -4.89 -33.18
CA LEU B 155 7.63 -5.81 -34.29
C LEU B 155 6.87 -5.19 -35.44
N ARG B 156 7.53 -5.00 -36.57
CA ARG B 156 6.87 -4.43 -37.71
C ARG B 156 6.10 -5.56 -38.41
N VAL B 157 4.81 -5.34 -38.63
CA VAL B 157 3.97 -6.34 -39.30
C VAL B 157 3.33 -5.78 -40.57
N SER B 158 2.79 -6.65 -41.39
CA SER B 158 2.18 -6.23 -42.65
C SER B 158 0.69 -5.87 -42.55
N ASP B 159 0.06 -6.20 -41.44
CA ASP B 159 -1.36 -5.88 -41.27
C ASP B 159 -1.60 -4.96 -40.06
N GLY B 160 -2.86 -4.81 -39.67
CA GLY B 160 -3.20 -3.97 -38.55
C GLY B 160 -2.72 -2.54 -38.73
N LEU B 161 -2.05 -2.01 -37.71
CA LEU B 161 -1.53 -0.65 -37.78
C LEU B 161 -0.05 -0.63 -38.16
N GLY B 162 0.45 -1.79 -38.58
CA GLY B 162 1.84 -1.88 -39.01
C GLY B 162 2.87 -2.28 -37.96
N PHE B 163 2.46 -2.32 -36.70
CA PHE B 163 3.36 -2.67 -35.62
C PHE B 163 2.62 -3.38 -34.52
N LYS B 164 3.37 -4.07 -33.69
CA LYS B 164 2.84 -4.77 -32.53
C LYS B 164 3.86 -4.53 -31.43
N ILE B 165 3.36 -4.32 -30.22
CA ILE B 165 4.20 -4.08 -29.06
C ILE B 165 4.53 -5.41 -28.38
N ALA B 166 5.78 -5.84 -28.52
CA ALA B 166 6.23 -7.10 -27.94
C ALA B 166 6.73 -6.93 -26.52
N LYS B 167 7.00 -5.69 -26.14
CA LYS B 167 7.49 -5.40 -24.80
C LYS B 167 7.44 -3.89 -24.53
N ARG B 168 7.00 -3.53 -23.34
CA ARG B 168 6.94 -2.12 -22.94
C ARG B 168 7.39 -1.97 -21.50
N THR B 169 8.38 -1.11 -21.31
CA THR B 169 8.90 -0.82 -19.99
C THR B 169 8.65 0.66 -19.81
N ILE B 170 7.85 0.99 -18.81
CA ILE B 170 7.49 2.37 -18.53
C ILE B 170 8.30 2.97 -17.39
N LEU B 171 9.03 4.03 -17.71
CA LEU B 171 9.82 4.73 -16.71
C LEU B 171 8.99 5.95 -16.30
N LEU B 172 8.16 5.79 -15.26
CA LEU B 172 7.33 6.90 -14.80
C LEU B 172 8.20 7.81 -13.94
N ASP B 173 8.24 9.10 -14.27
CA ASP B 173 9.06 10.04 -13.51
C ASP B 173 8.45 10.46 -12.18
N GLN B 174 8.46 9.51 -11.25
CA GLN B 174 7.95 9.70 -9.91
C GLN B 174 8.53 8.59 -9.03
N SER B 175 8.59 8.83 -7.73
CA SER B 175 9.04 7.82 -6.79
C SER B 175 7.69 7.43 -6.17
N THR B 176 7.19 8.27 -5.27
CA THR B 176 5.88 8.06 -4.67
C THR B 176 4.88 8.48 -5.74
N ILE B 177 3.79 7.73 -5.92
CA ILE B 177 2.80 8.14 -6.93
C ILE B 177 2.02 9.31 -6.36
N THR B 178 2.15 10.47 -7.00
CA THR B 178 1.47 11.68 -6.55
C THR B 178 0.06 11.78 -7.08
N ALA B 179 -0.23 11.08 -8.17
CA ALA B 179 -1.57 11.12 -8.73
C ALA B 179 -2.55 10.40 -7.80
N ASN B 180 -3.83 10.64 -8.00
CA ASN B 180 -4.87 10.03 -7.18
C ASN B 180 -4.85 8.51 -7.29
N ASN B 181 -4.47 8.00 -8.45
CA ASN B 181 -4.36 6.56 -8.70
C ASN B 181 -3.72 6.31 -10.07
N LEU B 182 -3.59 5.05 -10.46
CA LEU B 182 -3.00 4.68 -11.76
C LEU B 182 -3.98 3.94 -12.67
N SER B 183 -5.16 4.51 -12.88
CA SER B 183 -6.19 3.88 -13.70
C SER B 183 -5.92 3.95 -15.20
N GLN B 184 -4.88 4.66 -15.61
CA GLN B 184 -4.57 4.81 -17.03
C GLN B 184 -3.40 3.94 -17.48
N PHE B 185 -3.49 3.44 -18.72
CA PHE B 185 -2.39 2.66 -19.27
C PHE B 185 -1.51 3.66 -20.01
N PHE B 186 -0.21 3.39 -20.10
CA PHE B 186 0.71 4.30 -20.78
C PHE B 186 1.40 3.64 -21.96
#